data_8RWS
#
_entry.id   8RWS
#
_cell.length_a   60.117
_cell.length_b   78.753
_cell.length_c   56.155
_cell.angle_alpha   90.000
_cell.angle_beta   90.000
_cell.angle_gamma   90.000
#
_symmetry.space_group_name_H-M   'P 21 21 2'
#
loop_
_entity.id
_entity.type
_entity.pdbx_description
1 polymer 'Carbapenem-hydrolyzing beta-lactamase KPC'
2 non-polymer 'SULFATE ION'
3 non-polymer '(2S,3R,4R)-4-[(3S,5S)-5-(dimethylcarbamoyl)pyrrolidin-3-yl]sulfanyl-3-methyl-2-[(2S,3R)-3-oxidanyl-1-oxidanylidene-butan-2-yl]-3,4-dihydro-2H-pyrrole-5-carboxylic acid'
4 non-polymer '(4R,5S)-3-{[(3S,5S)-5-(dimethylcarbamoyl)pyrrolidin-3-yl]sulfanyl}-5-[(2S,3R)-3-hydroxy-1-oxobutan-2-yl]-4-methyl-4,5-d ihydro-1H-pyrrole-2-carboxylic acid'
5 water water
#
_entity_poly.entity_id   1
_entity_poly.type   'polypeptide(L)'
_entity_poly.pdbx_seq_one_letter_code
;MGSSHHHHHHSSGLVPRGSHMLTNLVAEPFAKLEQDFGGSIGVYAMDTGSGATVSYRAEERFPLCSSFKGFLAAAVLARS
QQQADLLDTPIRYGKNALVPWSPISEKYLTTGMTVAELSAAAVQYSDNAAANLLLKELGGPAGLTAFMRSIGDTTFRLDR
WQLELNSAIPGDARDTSSPRAVTESLQKLTLGSALAAPQRQQFVDWLKGNTTGNHRIRAAVPADWAVGDKTGTCGVYGTA
NDYAVVWPTGRAPIVLAVYTRAPNKDDKHSEAVIAAAARLALEGLGVNGQ
;
_entity_poly.pdbx_strand_id   A
#
# COMPACT_ATOMS: atom_id res chain seq x y z
N THR A 23 -14.66 -17.30 -4.94
CA THR A 23 -14.11 -17.42 -3.59
C THR A 23 -14.40 -18.77 -2.96
N ASN A 24 -15.57 -19.33 -3.31
CA ASN A 24 -15.96 -20.60 -2.73
C ASN A 24 -14.91 -21.67 -2.96
N LEU A 25 -14.10 -21.53 -4.01
CA LEU A 25 -13.03 -22.48 -4.24
C LEU A 25 -11.98 -22.45 -3.13
N VAL A 26 -11.87 -21.35 -2.38
CA VAL A 26 -10.79 -21.24 -1.38
C VAL A 26 -11.28 -20.71 -0.04
N ALA A 27 -12.59 -20.54 0.16
CA ALA A 27 -13.07 -19.97 1.41
C ALA A 27 -12.66 -20.80 2.62
N GLU A 28 -12.75 -22.12 2.52
CA GLU A 28 -12.31 -22.97 3.63
CA GLU A 28 -12.31 -22.97 3.63
C GLU A 28 -10.82 -22.83 3.89
N PRO A 29 -9.94 -22.88 2.88
CA PRO A 29 -8.53 -22.65 3.18
C PRO A 29 -8.27 -21.27 3.79
N PHE A 30 -9.03 -20.21 3.42
CA PHE A 30 -8.79 -18.90 4.07
C PHE A 30 -9.12 -18.95 5.56
N ALA A 31 -10.25 -19.56 5.93
CA ALA A 31 -10.61 -19.62 7.34
C ALA A 31 -9.56 -20.41 8.13
N LYS A 32 -9.07 -21.52 7.58
CA LYS A 32 -8.04 -22.29 8.27
C LYS A 32 -6.77 -21.48 8.44
N LEU A 33 -6.39 -20.75 7.40
CA LEU A 33 -5.20 -19.91 7.49
C LEU A 33 -5.32 -18.87 8.59
N GLU A 34 -6.45 -18.17 8.67
CA GLU A 34 -6.54 -17.12 9.69
C GLU A 34 -6.65 -17.73 11.08
N GLN A 35 -7.26 -18.90 11.20
CA GLN A 35 -7.32 -19.55 12.51
C GLN A 35 -5.93 -19.96 12.98
N ASP A 36 -5.10 -20.49 12.08
CA ASP A 36 -3.73 -20.81 12.46
C ASP A 36 -2.95 -19.55 12.81
N PHE A 37 -3.18 -18.46 12.07
CA PHE A 37 -2.53 -17.18 12.35
C PHE A 37 -2.96 -16.61 13.69
N GLY A 38 -4.19 -16.87 14.09
CA GLY A 38 -4.70 -16.34 15.35
C GLY A 38 -5.27 -14.94 15.25
N GLY A 39 -5.72 -14.54 14.10
CA GLY A 39 -6.28 -13.21 13.90
C GLY A 39 -7.25 -13.21 12.75
N SER A 40 -7.30 -12.10 12.04
CA SER A 40 -8.19 -11.90 10.89
C SER A 40 -7.37 -11.56 9.67
N ILE A 41 -7.74 -12.15 8.54
CA ILE A 41 -7.12 -11.91 7.24
C ILE A 41 -8.20 -11.37 6.31
N GLY A 42 -7.88 -10.31 5.60
CA GLY A 42 -8.74 -9.70 4.63
C GLY A 42 -8.11 -9.71 3.26
N VAL A 43 -8.84 -10.20 2.26
CA VAL A 43 -8.30 -10.35 0.92
C VAL A 43 -9.34 -9.89 -0.09
N TYR A 44 -8.91 -9.10 -1.06
N TYR A 44 -8.88 -9.15 -1.11
CA TYR A 44 -9.65 -8.90 -2.28
CA TYR A 44 -9.70 -8.88 -2.29
C TYR A 44 -8.66 -9.06 -3.42
C TYR A 44 -8.81 -8.89 -3.52
N ALA A 45 -9.08 -9.79 -4.45
CA ALA A 45 -8.27 -9.98 -5.64
C ALA A 45 -9.16 -9.93 -6.86
N MET A 46 -8.77 -9.10 -7.83
N MET A 46 -8.71 -9.21 -7.89
CA MET A 46 -9.48 -8.94 -9.08
CA MET A 46 -9.48 -8.91 -9.08
C MET A 46 -8.63 -9.47 -10.22
C MET A 46 -8.69 -9.34 -10.31
N ASP A 47 -9.27 -10.21 -11.13
CA ASP A 47 -8.71 -10.54 -12.43
C ASP A 47 -9.25 -9.48 -13.40
N THR A 48 -8.37 -8.58 -13.86
CA THR A 48 -8.83 -7.44 -14.65
C THR A 48 -9.25 -7.85 -16.05
N GLY A 49 -9.04 -9.10 -16.42
CA GLY A 49 -9.47 -9.57 -17.73
C GLY A 49 -10.93 -9.92 -17.70
N SER A 50 -11.30 -10.84 -16.83
CA SER A 50 -12.67 -11.32 -16.77
C SER A 50 -13.53 -10.57 -15.76
N GLY A 51 -12.92 -9.84 -14.85
CA GLY A 51 -13.65 -9.23 -13.76
C GLY A 51 -13.93 -10.17 -12.62
N ALA A 52 -13.49 -11.42 -12.68
CA ALA A 52 -13.66 -12.35 -11.58
C ALA A 52 -12.89 -11.87 -10.35
N THR A 53 -13.42 -12.21 -9.18
CA THR A 53 -12.85 -11.76 -7.92
C THR A 53 -12.80 -12.91 -6.92
N VAL A 54 -11.87 -12.75 -5.97
CA VAL A 54 -11.81 -13.56 -4.75
C VAL A 54 -11.89 -12.58 -3.58
N SER A 55 -12.77 -12.89 -2.63
CA SER A 55 -13.08 -11.97 -1.54
CA SER A 55 -13.11 -11.97 -1.54
C SER A 55 -13.18 -12.73 -0.22
N TYR A 56 -12.45 -12.26 0.79
CA TYR A 56 -12.51 -12.84 2.13
C TYR A 56 -12.35 -11.69 3.12
N ARG A 57 -13.39 -11.44 3.92
CA ARG A 57 -13.43 -10.28 4.81
C ARG A 57 -13.11 -8.98 4.05
N ALA A 58 -13.55 -8.90 2.80
CA ALA A 58 -13.05 -7.86 1.91
C ALA A 58 -13.57 -6.48 2.22
N GLU A 59 -14.70 -6.38 2.90
CA GLU A 59 -15.28 -5.08 3.26
C GLU A 59 -15.04 -4.71 4.72
N GLU A 60 -14.27 -5.49 5.46
CA GLU A 60 -13.90 -5.09 6.81
C GLU A 60 -12.77 -4.07 6.74
N ARG A 61 -12.71 -3.21 7.76
CA ARG A 61 -11.61 -2.26 7.87
C ARG A 61 -10.40 -2.89 8.55
N PHE A 62 -9.22 -2.56 8.01
CA PHE A 62 -7.95 -2.94 8.57
C PHE A 62 -7.06 -1.70 8.56
N PRO A 63 -6.16 -1.57 9.53
CA PRO A 63 -5.22 -0.45 9.51
C PRO A 63 -4.36 -0.43 8.27
N LEU A 64 -4.16 0.76 7.73
CA LEU A 64 -3.30 0.93 6.57
C LEU A 64 -1.83 0.73 6.92
N CYS A 65 -1.43 1.16 8.11
CA CYS A 65 -0.01 1.25 8.47
C CYS A 65 0.72 1.99 7.34
N SER A 66 1.94 1.56 7.01
CA SER A 66 2.69 2.30 6.00
C SER A 66 2.13 2.18 4.60
N SER A 67 1.13 1.31 4.37
CA SER A 67 0.63 1.12 3.02
C SER A 67 -0.06 2.37 2.48
N PHE A 68 -0.39 3.34 3.32
CA PHE A 68 -0.94 4.59 2.81
C PHE A 68 0.05 5.30 1.88
N LYS A 69 1.36 5.01 2.00
CA LYS A 69 2.36 5.77 1.27
C LYS A 69 2.29 5.53 -0.23
N GLY A 70 1.84 4.35 -0.67
CA GLY A 70 1.61 4.16 -2.09
C GLY A 70 0.60 5.14 -2.64
N PHE A 71 -0.55 5.26 -1.95
CA PHE A 71 -1.58 6.19 -2.40
C PHE A 71 -1.11 7.64 -2.30
N LEU A 72 -0.28 7.94 -1.29
CA LEU A 72 0.35 9.26 -1.19
C LEU A 72 1.16 9.58 -2.43
N ALA A 73 1.99 8.64 -2.87
CA ALA A 73 2.79 8.90 -4.07
C ALA A 73 1.91 9.08 -5.30
N ALA A 74 0.80 8.34 -5.38
CA ALA A 74 -0.13 8.54 -6.48
C ALA A 74 -0.76 9.94 -6.43
N ALA A 75 -1.10 10.42 -5.23
CA ALA A 75 -1.67 11.76 -5.09
C ALA A 75 -0.68 12.82 -5.52
N VAL A 76 0.61 12.61 -5.20
CA VAL A 76 1.65 13.53 -5.64
C VAL A 76 1.70 13.54 -7.16
N LEU A 77 1.68 12.35 -7.77
CA LEU A 77 1.71 12.26 -9.23
C LEU A 77 0.48 12.95 -9.85
N ALA A 78 -0.69 12.78 -9.25
CA ALA A 78 -1.87 13.46 -9.76
C ALA A 78 -1.68 14.97 -9.74
N ARG A 79 -1.16 15.49 -8.63
CA ARG A 79 -0.92 16.93 -8.56
C ARG A 79 0.08 17.36 -9.61
N SER A 80 1.07 16.50 -9.90
CA SER A 80 2.11 16.87 -10.86
C SER A 80 1.55 17.03 -12.26
N GLN A 81 0.36 16.49 -12.52
CA GLN A 81 -0.29 16.73 -13.80
C GLN A 81 -0.65 18.20 -13.97
N GLN A 82 -1.00 18.89 -12.87
CA GLN A 82 -1.32 20.31 -12.95
CA GLN A 82 -1.33 20.31 -12.94
C GLN A 82 -0.14 21.21 -12.61
N GLN A 83 0.91 20.67 -11.99
CA GLN A 83 2.08 21.45 -11.58
CA GLN A 83 2.09 21.44 -11.56
C GLN A 83 3.31 20.78 -12.16
N ALA A 84 3.72 21.25 -13.34
CA ALA A 84 4.80 20.62 -14.10
C ALA A 84 6.15 20.67 -13.41
N ASP A 85 6.35 21.60 -12.46
CA ASP A 85 7.62 21.72 -11.75
C ASP A 85 7.60 21.02 -10.40
N LEU A 86 6.54 20.27 -10.09
CA LEU A 86 6.43 19.69 -8.75
C LEU A 86 7.48 18.62 -8.50
N LEU A 87 7.58 17.64 -9.40
CA LEU A 87 8.42 16.48 -9.12
C LEU A 87 9.89 16.84 -8.96
N ASP A 88 10.36 17.85 -9.69
CA ASP A 88 11.75 18.27 -9.60
C ASP A 88 12.00 19.26 -8.46
N THR A 89 10.98 19.63 -7.71
CA THR A 89 11.14 20.65 -6.69
C THR A 89 12.03 20.14 -5.56
N PRO A 90 13.12 20.83 -5.23
N PRO A 90 13.06 20.88 -5.14
CA PRO A 90 13.90 20.42 -4.06
CA PRO A 90 13.94 20.40 -4.08
C PRO A 90 13.14 20.68 -2.77
C PRO A 90 13.41 20.76 -2.69
N ILE A 91 13.30 19.75 -1.83
CA ILE A 91 12.75 19.89 -0.48
C ILE A 91 13.89 19.73 0.51
N ARG A 92 14.10 20.73 1.35
CA ARG A 92 15.08 20.65 2.43
C ARG A 92 14.38 20.42 3.75
N TYR A 93 15.08 19.75 4.66
CA TYR A 93 14.49 19.37 5.93
C TYR A 93 15.57 19.30 7.00
N GLY A 94 15.14 19.49 8.24
CA GLY A 94 16.05 19.47 9.36
C GLY A 94 16.14 18.10 10.00
N LYS A 95 17.09 17.99 10.93
CA LYS A 95 17.29 16.74 11.65
C LYS A 95 16.03 16.27 12.35
N ASN A 96 15.20 17.21 12.83
CA ASN A 96 13.98 16.84 13.55
C ASN A 96 12.95 16.22 12.63
N ALA A 97 13.10 16.34 11.31
CA ALA A 97 12.21 15.64 10.38
C ALA A 97 12.52 14.15 10.29
N LEU A 98 13.69 13.72 10.73
CA LEU A 98 14.13 12.33 10.57
C LEU A 98 13.60 11.49 11.72
N VAL A 99 12.57 10.72 11.45
CA VAL A 99 11.94 9.85 12.43
C VAL A 99 12.41 8.43 12.17
N PRO A 100 12.22 7.51 13.11
CA PRO A 100 12.73 6.15 12.93
C PRO A 100 12.30 5.53 11.60
N TRP A 101 13.23 4.81 10.99
CA TRP A 101 13.09 4.21 9.66
CA TRP A 101 13.08 4.21 9.67
C TRP A 101 12.87 5.28 8.59
N SER A 102 13.95 6.00 8.33
CA SER A 102 14.05 6.97 7.24
C SER A 102 15.34 6.68 6.49
N PRO A 103 15.43 5.49 5.88
CA PRO A 103 16.73 5.00 5.39
C PRO A 103 17.28 5.79 4.23
N ILE A 104 16.44 6.38 3.40
CA ILE A 104 16.93 7.19 2.27
C ILE A 104 17.11 8.63 2.70
N SER A 105 16.10 9.23 3.29
N SER A 105 16.05 9.19 3.29
CA SER A 105 16.15 10.65 3.60
CA SER A 105 16.04 10.59 3.73
C SER A 105 17.24 10.99 4.62
C SER A 105 17.30 10.92 4.51
N GLU A 106 17.68 10.03 5.44
CA GLU A 106 18.78 10.34 6.33
C GLU A 106 20.07 10.56 5.58
N LYS A 107 20.20 9.98 4.38
N LYS A 107 20.20 9.98 4.39
CA LYS A 107 21.41 10.13 3.59
CA LYS A 107 21.42 10.14 3.60
C LYS A 107 21.48 11.45 2.85
C LYS A 107 21.49 11.47 2.88
N TYR A 108 20.38 12.20 2.80
CA TYR A 108 20.30 13.46 2.07
C TYR A 108 19.89 14.59 2.99
N LEU A 109 20.01 14.38 4.31
CA LEU A 109 19.70 15.42 5.28
C LEU A 109 20.43 16.71 4.96
N THR A 110 21.71 16.61 4.62
CA THR A 110 22.52 17.79 4.41
C THR A 110 22.37 18.39 3.02
N THR A 111 21.61 17.75 2.13
CA THR A 111 21.47 18.24 0.76
C THR A 111 20.03 18.56 0.35
N GLY A 112 19.05 17.90 0.95
CA GLY A 112 17.69 17.90 0.43
C GLY A 112 17.52 16.82 -0.63
N MET A 113 16.25 16.61 -0.98
CA MET A 113 15.84 15.66 -2.03
C MET A 113 14.68 16.27 -2.80
N THR A 114 14.47 15.79 -4.04
CA THR A 114 13.34 16.30 -4.78
C THR A 114 12.05 15.58 -4.36
N VAL A 115 10.92 16.20 -4.72
CA VAL A 115 9.62 15.58 -4.46
C VAL A 115 9.55 14.19 -5.06
N ALA A 116 10.08 14.02 -6.28
CA ALA A 116 10.07 12.69 -6.89
C ALA A 116 10.92 11.72 -6.09
N GLU A 117 12.10 12.15 -5.66
CA GLU A 117 12.95 11.28 -4.85
C GLU A 117 12.28 10.91 -3.54
N LEU A 118 11.63 11.87 -2.90
CA LEU A 118 10.91 11.54 -1.67
C LEU A 118 9.80 10.54 -1.91
N SER A 119 9.10 10.70 -3.04
CA SER A 119 8.01 9.79 -3.37
C SER A 119 8.54 8.37 -3.60
N ALA A 120 9.62 8.25 -4.37
CA ALA A 120 10.23 6.94 -4.58
C ALA A 120 10.69 6.31 -3.26
N ALA A 121 11.28 7.11 -2.37
CA ALA A 121 11.73 6.57 -1.10
C ALA A 121 10.56 6.11 -0.23
N ALA A 122 9.49 6.91 -0.19
CA ALA A 122 8.28 6.53 0.54
C ALA A 122 7.70 5.21 0.01
N VAL A 123 7.68 5.03 -1.31
CA VAL A 123 7.12 3.79 -1.87
C VAL A 123 8.08 2.62 -1.70
N GLN A 124 9.34 2.82 -2.05
CA GLN A 124 10.26 1.69 -2.26
C GLN A 124 11.04 1.28 -1.03
N TYR A 125 11.14 2.17 -0.04
CA TYR A 125 11.80 1.90 1.22
C TYR A 125 10.89 2.18 2.40
N SER A 126 9.65 2.61 2.17
CA SER A 126 8.74 2.99 3.23
C SER A 126 9.36 4.07 4.13
N ASP A 127 10.08 5.00 3.52
CA ASP A 127 10.80 6.03 4.27
C ASP A 127 9.81 6.95 4.98
N ASN A 128 9.93 7.00 6.31
CA ASN A 128 8.96 7.70 7.13
C ASN A 128 9.10 9.22 7.03
N ALA A 129 10.32 9.73 7.12
CA ALA A 129 10.49 11.17 6.97
C ALA A 129 9.99 11.63 5.60
N ALA A 130 10.28 10.86 4.55
CA ALA A 130 9.83 11.24 3.22
C ALA A 130 8.32 11.29 3.17
N ALA A 131 7.67 10.28 3.74
CA ALA A 131 6.21 10.25 3.75
C ALA A 131 5.63 11.47 4.47
N ASN A 132 6.19 11.83 5.64
N ASN A 132 6.20 11.84 5.63
CA ASN A 132 5.69 12.96 6.38
CA ASN A 132 5.69 12.96 6.38
C ASN A 132 5.85 14.26 5.60
C ASN A 132 5.85 14.26 5.60
N LEU A 133 6.99 14.42 4.93
CA LEU A 133 7.18 15.63 4.13
C LEU A 133 6.18 15.71 3.00
N LEU A 134 5.90 14.59 2.34
CA LEU A 134 4.94 14.62 1.25
C LEU A 134 3.52 14.81 1.76
N LEU A 135 3.18 14.20 2.89
CA LEU A 135 1.88 14.43 3.50
CA LEU A 135 1.86 14.42 3.47
C LEU A 135 1.64 15.91 3.75
N LYS A 136 2.68 16.60 4.24
CA LYS A 136 2.56 18.02 4.47
C LYS A 136 2.26 18.75 3.17
N GLU A 137 2.97 18.38 2.09
CA GLU A 137 2.76 19.03 0.81
C GLU A 137 1.32 18.90 0.33
N LEU A 138 0.69 17.76 0.61
CA LEU A 138 -0.66 17.50 0.10
C LEU A 138 -1.77 18.02 0.99
N GLY A 139 -1.45 18.69 2.09
CA GLY A 139 -2.49 19.16 2.99
C GLY A 139 -2.84 18.21 4.09
N GLY A 140 -1.97 17.27 4.42
CA GLY A 140 -2.14 16.41 5.55
C GLY A 140 -3.05 15.22 5.28
N PRO A 141 -3.38 14.48 6.33
CA PRO A 141 -4.28 13.31 6.19
C PRO A 141 -5.57 13.63 5.45
N ALA A 142 -6.19 14.78 5.69
CA ALA A 142 -7.40 15.13 4.98
C ALA A 142 -7.15 15.34 3.49
N GLY A 143 -5.99 15.89 3.13
CA GLY A 143 -5.71 16.08 1.71
C GLY A 143 -5.53 14.76 0.97
N LEU A 144 -4.87 13.79 1.59
CA LEU A 144 -4.78 12.49 0.95
C LEU A 144 -6.15 11.82 0.89
N THR A 145 -6.92 11.91 1.96
CA THR A 145 -8.29 11.38 1.93
C THR A 145 -9.08 12.01 0.78
N ALA A 146 -8.95 13.33 0.62
CA ALA A 146 -9.64 14.01 -0.48
C ALA A 146 -9.22 13.44 -1.82
N PHE A 147 -7.92 13.17 -1.99
CA PHE A 147 -7.51 12.59 -3.27
C PHE A 147 -8.21 11.24 -3.50
N MET A 148 -8.25 10.40 -2.47
CA MET A 148 -8.92 9.11 -2.61
C MET A 148 -10.39 9.28 -2.92
N ARG A 149 -11.06 10.24 -2.27
CA ARG A 149 -12.45 10.52 -2.63
C ARG A 149 -12.56 10.89 -4.12
N SER A 150 -11.59 11.65 -4.66
CA SER A 150 -11.68 12.17 -6.01
C SER A 150 -11.62 11.05 -7.04
N ILE A 151 -11.08 9.89 -6.69
CA ILE A 151 -11.06 8.75 -7.60
C ILE A 151 -12.21 7.78 -7.33
N GLY A 152 -13.12 8.12 -6.41
CA GLY A 152 -14.29 7.30 -6.13
C GLY A 152 -14.17 6.33 -4.96
N ASP A 153 -13.14 6.47 -4.14
CA ASP A 153 -12.95 5.62 -2.97
C ASP A 153 -13.57 6.33 -1.78
N THR A 154 -14.70 5.79 -1.32
CA THR A 154 -15.43 6.34 -0.18
C THR A 154 -15.10 5.62 1.12
N THR A 155 -14.18 4.66 1.09
CA THR A 155 -13.84 3.86 2.27
C THR A 155 -12.57 4.36 2.96
N PHE A 156 -11.55 4.65 2.16
CA PHE A 156 -10.25 5.07 2.68
C PHE A 156 -10.38 6.26 3.61
N ARG A 157 -9.68 6.19 4.74
CA ARG A 157 -9.53 7.39 5.55
C ARG A 157 -8.15 7.40 6.16
N LEU A 158 -7.45 8.53 5.99
CA LEU A 158 -6.25 8.83 6.76
C LEU A 158 -6.61 9.97 7.70
N ASP A 159 -6.24 9.82 8.96
CA ASP A 159 -6.66 10.72 10.02
C ASP A 159 -5.50 11.33 10.78
N ARG A 160 -4.36 10.63 10.86
CA ARG A 160 -3.20 11.06 11.64
C ARG A 160 -1.92 11.01 10.82
N TRP A 161 -0.84 11.49 11.42
N TRP A 161 -0.88 11.60 11.40
N TRP A 161 -0.78 11.35 11.44
CA TRP A 161 0.49 11.50 10.84
CA TRP A 161 0.47 11.61 10.89
CA TRP A 161 0.53 11.41 10.77
C TRP A 161 1.29 10.30 11.37
C TRP A 161 1.23 10.45 11.54
C TRP A 161 1.39 10.21 11.15
N GLN A 162 2.49 10.11 10.83
N GLN A 162 2.43 10.20 11.03
N GLN A 162 2.50 10.02 10.43
CA GLN A 162 3.38 9.08 11.32
CA GLN A 162 3.29 9.19 11.64
CA GLN A 162 3.48 9.02 10.84
C GLN A 162 4.13 9.60 12.55
C GLN A 162 3.67 9.63 13.04
C GLN A 162 4.19 9.55 12.09
N LEU A 163 4.23 8.79 13.60
N LEU A 163 4.12 8.67 13.86
N LEU A 163 4.24 8.77 13.18
CA LEU A 163 3.84 7.38 13.59
CA LEU A 163 3.95 7.24 13.65
CA LEU A 163 3.92 7.36 13.24
C LEU A 163 2.51 7.07 14.28
C LEU A 163 2.61 6.88 14.31
C LEU A 163 2.55 7.06 13.85
N GLU A 164 1.82 8.12 14.73
N GLU A 164 1.90 7.91 14.75
CA GLU A 164 0.58 7.90 15.48
CA GLU A 164 0.66 7.70 15.50
C GLU A 164 -0.44 7.08 14.68
C GLU A 164 -0.40 6.97 14.68
N LEU A 165 -0.44 7.21 13.37
CA LEU A 165 -1.46 6.54 12.56
C LEU A 165 -1.31 5.02 12.55
N ASN A 166 -0.26 4.46 13.16
CA ASN A 166 -0.01 3.02 13.15
C ASN A 166 -0.46 2.32 14.43
N SER A 167 -1.28 2.98 15.27
CA SER A 167 -1.67 2.41 16.55
C SER A 167 -2.49 1.13 16.40
N ALA A 168 -3.24 0.98 15.31
CA ALA A 168 -3.92 -0.27 14.98
C ALA A 168 -4.85 -0.75 16.09
N ILE A 169 -5.51 0.19 16.75
CA ILE A 169 -6.36 -0.14 17.89
C ILE A 169 -7.58 -0.93 17.41
N PRO A 170 -7.89 -2.05 18.04
CA PRO A 170 -9.10 -2.81 17.64
C PRO A 170 -10.36 -1.96 17.66
N GLY A 171 -11.09 -1.99 16.54
CA GLY A 171 -12.35 -1.28 16.42
C GLY A 171 -12.22 0.18 15.99
N ASP A 172 -11.00 0.72 15.93
CA ASP A 172 -10.76 2.11 15.59
C ASP A 172 -10.73 2.22 14.07
N ALA A 173 -11.65 3.00 13.49
CA ALA A 173 -11.70 3.20 12.05
C ALA A 173 -10.64 4.18 11.54
N ARG A 174 -10.00 4.95 12.42
CA ARG A 174 -9.01 5.92 11.93
C ARG A 174 -7.90 5.20 11.17
N ASP A 175 -7.48 5.80 10.06
CA ASP A 175 -6.30 5.31 9.33
C ASP A 175 -6.49 3.88 8.87
N THR A 176 -7.69 3.61 8.35
CA THR A 176 -8.02 2.29 7.81
C THR A 176 -8.61 2.40 6.42
N SER A 177 -8.60 1.25 5.75
CA SER A 177 -9.46 1.07 4.59
C SER A 177 -9.88 -0.40 4.57
N SER A 178 -10.52 -0.84 3.48
CA SER A 178 -10.85 -2.24 3.34
C SER A 178 -10.01 -2.84 2.24
N PRO A 179 -9.81 -4.18 2.26
CA PRO A 179 -9.08 -4.79 1.15
C PRO A 179 -9.70 -4.52 -0.20
N ARG A 180 -11.04 -4.51 -0.25
CA ARG A 180 -11.71 -4.24 -1.50
C ARG A 180 -11.42 -2.84 -2.02
N ALA A 181 -11.58 -1.81 -1.15
CA ALA A 181 -11.35 -0.46 -1.62
C ALA A 181 -9.89 -0.22 -2.00
N VAL A 182 -8.96 -0.83 -1.26
CA VAL A 182 -7.54 -0.74 -1.62
C VAL A 182 -7.32 -1.29 -3.02
N THR A 183 -7.87 -2.48 -3.30
CA THR A 183 -7.70 -3.08 -4.62
C THR A 183 -8.37 -2.24 -5.69
N GLU A 184 -9.61 -1.80 -5.44
CA GLU A 184 -10.31 -1.01 -6.43
C GLU A 184 -9.53 0.27 -6.75
N SER A 185 -9.01 0.94 -5.72
CA SER A 185 -8.26 2.17 -5.97
C SER A 185 -6.93 1.89 -6.63
N LEU A 186 -6.26 0.82 -6.22
CA LEU A 186 -5.01 0.47 -6.88
C LEU A 186 -5.22 0.20 -8.36
N GLN A 187 -6.30 -0.52 -8.71
N GLN A 187 -6.30 -0.52 -8.71
CA GLN A 187 -6.60 -0.77 -10.11
CA GLN A 187 -6.57 -0.77 -10.12
C GLN A 187 -6.80 0.54 -10.87
C GLN A 187 -6.81 0.53 -10.89
N LYS A 188 -7.60 1.45 -10.32
CA LYS A 188 -7.85 2.71 -11.01
C LYS A 188 -6.56 3.47 -11.28
N LEU A 189 -5.62 3.45 -10.32
CA LEU A 189 -4.42 4.25 -10.40
C LEU A 189 -3.34 3.62 -11.27
N THR A 190 -3.22 2.28 -11.27
CA THR A 190 -2.17 1.60 -12.03
C THR A 190 -2.60 1.15 -13.42
N LEU A 191 -3.89 0.90 -13.64
CA LEU A 191 -4.37 0.28 -14.87
C LEU A 191 -5.52 1.07 -15.49
N GLY A 192 -6.28 1.77 -14.65
CA GLY A 192 -7.40 2.60 -15.10
C GLY A 192 -6.95 3.98 -15.51
N SER A 193 -7.89 4.93 -15.42
CA SER A 193 -7.70 6.27 -15.95
C SER A 193 -7.56 7.34 -14.87
N ALA A 194 -7.37 6.95 -13.61
CA ALA A 194 -7.29 7.94 -12.54
C ALA A 194 -6.08 8.84 -12.68
N LEU A 195 -4.98 8.32 -13.19
CA LEU A 195 -3.79 9.10 -13.52
C LEU A 195 -3.61 9.14 -15.04
N ALA A 196 -3.03 10.23 -15.52
CA ALA A 196 -2.63 10.33 -16.92
C ALA A 196 -1.54 9.31 -17.20
N ALA A 197 -1.40 8.92 -18.47
CA ALA A 197 -0.56 7.78 -18.81
C ALA A 197 0.88 7.91 -18.31
N PRO A 198 1.57 9.04 -18.46
CA PRO A 198 2.95 9.10 -17.94
C PRO A 198 3.02 8.92 -16.43
N GLN A 199 2.11 9.58 -15.70
CA GLN A 199 2.07 9.44 -14.25
C GLN A 199 1.70 8.02 -13.84
N ARG A 200 0.78 7.39 -14.57
N ARG A 200 0.79 7.38 -14.58
CA ARG A 200 0.41 6.00 -14.30
CA ARG A 200 0.42 6.01 -14.27
C ARG A 200 1.64 5.11 -14.38
C ARG A 200 1.63 5.08 -14.39
N GLN A 201 2.42 5.22 -15.46
CA GLN A 201 3.60 4.37 -15.59
C GLN A 201 4.65 4.68 -14.53
N GLN A 202 4.78 5.94 -14.12
CA GLN A 202 5.70 6.25 -13.03
C GLN A 202 5.26 5.59 -11.72
N PHE A 203 3.96 5.61 -11.44
CA PHE A 203 3.45 4.96 -10.23
C PHE A 203 3.74 3.46 -10.29
N VAL A 204 3.46 2.85 -11.44
CA VAL A 204 3.76 1.43 -11.63
C VAL A 204 5.24 1.17 -11.42
N ASP A 205 6.10 2.01 -12.00
CA ASP A 205 7.53 1.79 -11.87
C ASP A 205 7.99 1.88 -10.42
N TRP A 206 7.45 2.84 -9.66
CA TRP A 206 7.81 2.92 -8.25
C TRP A 206 7.41 1.66 -7.51
N LEU A 207 6.18 1.19 -7.74
CA LEU A 207 5.73 -0.03 -7.08
C LEU A 207 6.58 -1.22 -7.49
N LYS A 208 6.94 -1.32 -8.77
CA LYS A 208 7.78 -2.43 -9.21
C LYS A 208 9.13 -2.43 -8.53
N GLY A 209 9.65 -1.25 -8.20
CA GLY A 209 10.92 -1.12 -7.54
C GLY A 209 10.89 -1.25 -6.05
N ASN A 210 9.75 -1.61 -5.46
CA ASN A 210 9.70 -1.74 -4.01
C ASN A 210 10.70 -2.77 -3.52
N THR A 211 11.35 -2.45 -2.41
CA THR A 211 12.34 -3.34 -1.83
C THR A 211 11.88 -4.08 -0.58
N THR A 212 10.70 -3.76 -0.04
CA THR A 212 10.31 -4.23 1.28
C THR A 212 9.32 -5.39 1.25
N GLY A 213 8.93 -5.85 0.06
CA GLY A 213 7.85 -6.83 -0.02
C GLY A 213 8.25 -8.21 -0.50
N ASN A 214 9.53 -8.57 -0.43
CA ASN A 214 9.94 -9.83 -1.04
C ASN A 214 9.33 -11.05 -0.36
N HIS A 215 8.89 -10.93 0.88
CA HIS A 215 8.37 -12.07 1.63
C HIS A 215 6.85 -12.08 1.71
N ARG A 216 6.18 -11.21 0.96
CA ARG A 216 4.74 -11.06 1.03
C ARG A 216 4.13 -11.48 -0.33
N ILE A 217 3.34 -10.65 -1.00
CA ILE A 217 2.69 -11.09 -2.23
C ILE A 217 3.72 -11.61 -3.23
N ARG A 218 4.89 -10.94 -3.31
CA ARG A 218 5.92 -11.35 -4.26
C ARG A 218 6.35 -12.80 -4.05
N ALA A 219 6.34 -13.28 -2.80
CA ALA A 219 6.71 -14.66 -2.51
C ALA A 219 5.73 -15.67 -3.06
N ALA A 220 4.53 -15.24 -3.45
CA ALA A 220 3.53 -16.08 -4.05
C ALA A 220 3.50 -16.01 -5.57
N VAL A 221 4.37 -15.19 -6.16
CA VAL A 221 4.29 -14.82 -7.58
C VAL A 221 5.51 -15.41 -8.29
N PRO A 222 5.33 -16.19 -9.36
CA PRO A 222 6.49 -16.75 -10.08
C PRO A 222 7.48 -15.67 -10.53
N ALA A 223 8.75 -16.08 -10.60
CA ALA A 223 9.84 -15.15 -10.85
C ALA A 223 9.75 -14.48 -12.22
N ASP A 224 9.09 -15.10 -13.20
CA ASP A 224 9.00 -14.54 -14.53
C ASP A 224 7.79 -13.62 -14.74
N TRP A 225 7.08 -13.26 -13.68
CA TRP A 225 5.99 -12.29 -13.76
C TRP A 225 6.39 -10.97 -13.13
N ALA A 226 5.98 -9.88 -13.75
CA ALA A 226 6.19 -8.56 -13.16
C ALA A 226 5.22 -8.33 -12.01
N VAL A 227 5.68 -7.59 -11.01
CA VAL A 227 4.86 -7.28 -9.85
CA VAL A 227 4.90 -7.30 -9.81
C VAL A 227 5.34 -5.96 -9.24
N GLY A 228 4.38 -5.17 -8.81
CA GLY A 228 4.68 -3.99 -8.02
C GLY A 228 3.81 -4.05 -6.78
N ASP A 229 4.34 -3.57 -5.66
CA ASP A 229 3.60 -3.65 -4.40
C ASP A 229 4.00 -2.53 -3.44
N LYS A 230 3.18 -2.38 -2.40
CA LYS A 230 3.53 -1.56 -1.24
C LYS A 230 3.09 -2.29 0.02
N THR A 231 3.98 -2.37 1.00
CA THR A 231 3.75 -3.05 2.26
C THR A 231 3.34 -2.09 3.38
N GLY A 232 2.86 -2.69 4.48
CA GLY A 232 2.65 -1.99 5.73
C GLY A 232 2.83 -2.92 6.90
N THR A 233 3.40 -2.41 7.99
CA THR A 233 3.64 -3.20 9.20
C THR A 233 3.48 -2.25 10.38
N CYS A 234 2.36 -2.35 11.10
CA CYS A 234 2.11 -1.40 12.17
C CYS A 234 2.95 -1.66 13.42
N GLY A 235 3.34 -2.90 13.67
CA GLY A 235 4.18 -3.22 14.81
C GLY A 235 3.44 -3.68 16.04
N VAL A 236 2.11 -3.76 15.98
CA VAL A 236 1.25 -4.15 17.09
C VAL A 236 0.04 -4.85 16.49
N TYR A 237 -0.66 -5.58 17.33
CA TYR A 237 -1.96 -6.15 17.00
C TYR A 237 -1.92 -7.02 15.74
N GLY A 238 -0.80 -7.73 15.57
CA GLY A 238 -0.65 -8.63 14.43
C GLY A 238 -0.98 -7.97 13.10
N THR A 239 -0.72 -6.67 12.96
CA THR A 239 -1.26 -5.88 11.85
C THR A 239 -0.18 -5.59 10.83
N ALA A 240 -0.36 -6.16 9.64
CA ALA A 240 0.55 -5.94 8.52
C ALA A 240 -0.22 -6.24 7.25
N ASN A 241 0.36 -5.83 6.12
CA ASN A 241 -0.40 -5.86 4.87
C ASN A 241 0.54 -5.71 3.69
N ASP A 242 -0.03 -5.92 2.50
CA ASP A 242 0.62 -5.71 1.21
C ASP A 242 -0.48 -5.61 0.16
N TYR A 243 -0.29 -4.72 -0.80
CA TYR A 243 -1.13 -4.70 -1.99
C TYR A 243 -0.24 -4.66 -3.22
N ALA A 244 -0.75 -5.21 -4.33
CA ALA A 244 0.09 -5.41 -5.48
C ALA A 244 -0.72 -5.45 -6.77
N VAL A 245 -0.04 -5.07 -7.85
N VAL A 245 -0.02 -5.14 -7.86
CA VAL A 245 -0.45 -5.42 -9.20
CA VAL A 245 -0.49 -5.39 -9.22
C VAL A 245 0.52 -6.49 -9.68
C VAL A 245 0.49 -6.38 -9.87
N VAL A 246 -0.02 -7.54 -10.29
CA VAL A 246 0.75 -8.66 -10.78
C VAL A 246 0.42 -8.83 -12.24
N TRP A 247 1.44 -9.01 -13.08
CA TRP A 247 1.27 -9.22 -14.51
C TRP A 247 1.69 -10.65 -14.84
N PRO A 248 0.80 -11.64 -14.75
CA PRO A 248 1.15 -12.96 -15.26
C PRO A 248 1.34 -12.88 -16.76
N THR A 249 2.26 -13.68 -17.28
CA THR A 249 2.45 -13.60 -18.72
C THR A 249 1.24 -14.19 -19.45
N GLY A 250 0.92 -13.60 -20.58
CA GLY A 250 -0.12 -14.16 -21.44
C GLY A 250 -1.55 -13.91 -21.03
N ARG A 251 -1.80 -13.16 -19.95
CA ARG A 251 -3.16 -12.86 -19.52
C ARG A 251 -3.16 -11.48 -18.89
N ALA A 252 -4.36 -11.00 -18.55
CA ALA A 252 -4.51 -9.67 -18.01
C ALA A 252 -3.97 -9.61 -16.59
N PRO A 253 -3.59 -8.43 -16.13
CA PRO A 253 -3.04 -8.32 -14.78
C PRO A 253 -4.08 -8.59 -13.70
N ILE A 254 -3.56 -8.95 -12.53
CA ILE A 254 -4.30 -9.20 -11.32
C ILE A 254 -3.97 -8.08 -10.33
N VAL A 255 -4.99 -7.56 -9.64
CA VAL A 255 -4.78 -6.57 -8.58
C VAL A 255 -5.28 -7.21 -7.30
N LEU A 256 -4.48 -7.13 -6.23
CA LEU A 256 -4.92 -7.73 -4.99
C LEU A 256 -4.38 -7.02 -3.77
N ALA A 257 -5.07 -7.23 -2.66
CA ALA A 257 -4.74 -6.64 -1.37
C ALA A 257 -4.92 -7.71 -0.31
N VAL A 258 -3.94 -7.79 0.60
CA VAL A 258 -3.95 -8.73 1.72
C VAL A 258 -3.62 -7.95 2.99
N TYR A 259 -4.56 -7.92 3.92
CA TYR A 259 -4.45 -7.19 5.18
C TYR A 259 -4.66 -8.15 6.34
N THR A 260 -3.93 -7.95 7.44
CA THR A 260 -4.12 -8.74 8.64
C THR A 260 -4.24 -7.84 9.88
N ARG A 261 -4.88 -8.39 10.90
CA ARG A 261 -4.85 -7.85 12.26
C ARG A 261 -5.11 -9.01 13.22
N ALA A 262 -4.99 -8.75 14.51
CA ALA A 262 -5.14 -9.77 15.53
C ALA A 262 -5.57 -9.09 16.83
N PRO A 263 -6.13 -9.84 17.77
CA PRO A 263 -6.80 -9.18 18.90
C PRO A 263 -5.89 -8.57 19.95
N ASN A 264 -4.68 -9.07 20.15
CA ASN A 264 -3.85 -8.65 21.27
C ASN A 264 -2.72 -7.74 20.81
N LYS A 265 -2.42 -6.73 21.63
CA LYS A 265 -1.43 -5.74 21.22
C LYS A 265 -0.10 -6.40 20.85
N ASP A 266 0.32 -7.41 21.62
CA ASP A 266 1.62 -8.01 21.34
C ASP A 266 1.54 -9.22 20.43
N ASP A 267 0.40 -9.47 19.78
CA ASP A 267 0.37 -10.47 18.73
C ASP A 267 1.28 -10.01 17.59
N LYS A 268 2.07 -10.94 17.06
CA LYS A 268 2.99 -10.58 16.01
CA LYS A 268 3.01 -10.65 16.00
C LYS A 268 2.36 -10.82 14.63
N HIS A 269 2.73 -9.98 13.68
CA HIS A 269 2.30 -10.19 12.31
C HIS A 269 3.09 -11.35 11.72
N SER A 270 2.66 -11.78 10.53
CA SER A 270 3.33 -12.87 9.82
C SER A 270 3.40 -12.58 8.34
N GLU A 271 4.62 -12.49 7.81
CA GLU A 271 4.77 -12.35 6.36
C GLU A 271 4.34 -13.61 5.65
N ALA A 272 4.63 -14.77 6.24
CA ALA A 272 4.26 -16.04 5.61
C ALA A 272 2.76 -16.15 5.42
N VAL A 273 1.98 -15.65 6.39
CA VAL A 273 0.54 -15.70 6.24
C VAL A 273 0.09 -14.82 5.09
N ILE A 274 0.73 -13.65 4.93
CA ILE A 274 0.37 -12.78 3.81
C ILE A 274 0.66 -13.48 2.49
N ALA A 275 1.86 -14.08 2.37
CA ALA A 275 2.21 -14.81 1.16
C ALA A 275 1.24 -15.95 0.89
N ALA A 276 0.88 -16.69 1.95
CA ALA A 276 -0.04 -17.82 1.79
C ALA A 276 -1.42 -17.36 1.35
N ALA A 277 -1.89 -16.24 1.89
CA ALA A 277 -3.17 -15.70 1.48
C ALA A 277 -3.15 -15.27 0.01
N ALA A 278 -2.05 -14.65 -0.41
CA ALA A 278 -1.92 -14.29 -1.82
C ALA A 278 -1.94 -15.52 -2.72
N ARG A 279 -1.29 -16.61 -2.28
N ARG A 279 -1.27 -16.60 -2.30
CA ARG A 279 -1.29 -17.85 -3.05
CA ARG A 279 -1.30 -17.83 -3.09
C ARG A 279 -2.70 -18.41 -3.19
C ARG A 279 -2.74 -18.33 -3.22
N LEU A 280 -3.49 -18.33 -2.11
CA LEU A 280 -4.87 -18.79 -2.17
C LEU A 280 -5.70 -17.91 -3.10
N ALA A 281 -5.46 -16.59 -3.07
CA ALA A 281 -6.20 -15.70 -3.96
C ALA A 281 -5.92 -16.02 -5.42
N LEU A 282 -4.66 -16.21 -5.77
CA LEU A 282 -4.33 -16.56 -7.14
C LEU A 282 -4.94 -17.90 -7.52
N GLU A 283 -4.89 -18.88 -6.62
CA GLU A 283 -5.49 -20.19 -6.89
C GLU A 283 -6.99 -20.03 -7.12
N GLY A 284 -7.65 -19.21 -6.29
CA GLY A 284 -9.08 -19.00 -6.48
C GLY A 284 -9.40 -18.40 -7.84
N LEU A 285 -8.55 -17.51 -8.32
CA LEU A 285 -8.78 -16.88 -9.62
C LEU A 285 -8.40 -17.79 -10.79
N GLY A 286 -7.79 -18.94 -10.52
CA GLY A 286 -7.42 -19.84 -11.58
C GLY A 286 -6.17 -19.43 -12.31
N VAL A 287 -5.34 -18.61 -11.67
CA VAL A 287 -4.07 -18.15 -12.22
C VAL A 287 -3.02 -19.20 -11.86
N ASN A 288 -2.54 -19.91 -12.89
CA ASN A 288 -1.53 -20.93 -12.64
C ASN A 288 -0.22 -20.25 -12.24
N GLY A 289 0.29 -20.60 -11.07
CA GLY A 289 1.48 -19.96 -10.54
C GLY A 289 2.50 -20.92 -9.96
#